data_6C56
#
_entry.id   6C56
#
_cell.length_a   185.100
_cell.length_b   185.100
_cell.length_c   115.200
_cell.angle_alpha   90.00
_cell.angle_beta   90.00
_cell.angle_gamma   90.00
#
_symmetry.space_group_name_H-M   'I 4 2 2'
#
loop_
_entity.id
_entity.type
_entity.pdbx_description
1 polymer 'Geranylgeranyl pyrophosphate synthase'
2 non-polymer '{[(2-phenylthieno[2,3-d]pyrimidin-4-yl)amino]methylene}bis(phosphonic acid)'
3 water water
#
_entity_poly.entity_id   1
_entity_poly.type   'polypeptide(L)'
_entity_poly.pdbx_seq_one_letter_code
;MHHHHHHSSGVDLGTENLYFQSMEKTQETVQRILLEPYKYLLQLPGKQVRTKLSQAFNHWLKVPEDKLQIIIEVTEMLHN
ASLLIDDIEDNSKLRRGFPVAHSIYGIPSVINSANYVYFLGLEKVLTLDHPDAVKLFTRQLLELHQGQGLDIYWRDNYTC
PTEEEYKAMVLQKTGGLFGLAVGLMQLFSDYKEDLKPLLNTLGLFFQIRDDYANLHSKEYSENKSFCEDLTEGKFSFPTI
HAIWSRPESTQVQNILRQRTENIDIKKDCVHYLEDVGSFEYTRNTLKELEAKAYKQIDARGGNPELVALVKHLSKMFKEE
NE
;
_entity_poly.pdbx_strand_id   A,B
#
loop_
_chem_comp.id
_chem_comp.type
_chem_comp.name
_chem_comp.formula
VT0 non-polymer '{[(2-phenylthieno[2,3-d]pyrimidin-4-yl)amino]methylene}bis(phosphonic acid)' 'C13 H13 N3 O6 P2 S'
#
# COMPACT_ATOMS: atom_id res chain seq x y z
N TYR A 19 10.49 24.39 -24.99
CA TYR A 19 11.24 23.63 -23.92
C TYR A 19 10.47 23.58 -22.58
N PHE A 20 9.54 22.64 -22.40
CA PHE A 20 8.90 22.40 -21.08
C PHE A 20 9.70 21.35 -20.30
N GLN A 21 10.92 21.74 -19.83
CA GLN A 21 11.79 20.94 -18.88
C GLN A 21 11.30 21.10 -17.45
N SER A 22 10.33 21.97 -17.23
CA SER A 22 9.63 22.03 -15.98
C SER A 22 8.92 20.68 -15.61
N MET A 23 8.57 19.89 -16.65
CA MET A 23 7.98 18.55 -16.48
C MET A 23 9.07 17.63 -15.88
N GLU A 24 10.15 17.42 -16.67
CA GLU A 24 11.28 16.55 -16.29
C GLU A 24 11.72 16.81 -14.84
N LYS A 25 11.83 18.10 -14.50
CA LYS A 25 12.22 18.51 -13.15
C LYS A 25 11.26 17.98 -12.12
N THR A 26 9.98 18.23 -12.35
CA THR A 26 8.97 17.78 -11.40
C THR A 26 8.89 16.24 -11.39
N GLN A 27 9.20 15.59 -12.53
CA GLN A 27 9.26 14.12 -12.55
C GLN A 27 10.47 13.59 -11.70
N GLU A 28 11.69 14.08 -11.98
CA GLU A 28 12.90 13.74 -11.21
C GLU A 28 12.66 14.03 -9.68
N THR A 29 11.95 15.11 -9.40
CA THR A 29 11.75 15.56 -8.01
C THR A 29 10.90 14.58 -7.22
N VAL A 30 9.79 14.23 -7.83
CA VAL A 30 8.75 13.40 -7.25
C VAL A 30 9.23 11.99 -7.05
N GLN A 31 9.98 11.44 -8.00
CA GLN A 31 10.65 10.14 -7.74
C GLN A 31 11.56 10.20 -6.49
N ARG A 32 12.32 11.27 -6.30
CA ARG A 32 13.25 11.35 -5.19
C ARG A 32 12.51 11.35 -3.87
N ILE A 33 11.43 12.11 -3.82
CA ILE A 33 10.64 12.30 -2.61
C ILE A 33 9.96 11.00 -2.29
N LEU A 34 9.22 10.48 -3.26
CA LEU A 34 8.68 9.15 -3.16
C LEU A 34 9.57 8.02 -2.59
N LEU A 35 10.87 8.04 -2.83
CA LEU A 35 11.71 7.03 -2.24
C LEU A 35 12.47 7.45 -0.97
N GLU A 36 12.29 8.67 -0.43
CA GLU A 36 13.09 9.15 0.74
C GLU A 36 12.72 8.33 1.96
N PRO A 37 11.44 8.19 2.28
CA PRO A 37 11.20 7.32 3.43
C PRO A 37 11.75 5.91 3.28
N TYR A 38 11.63 5.37 2.09
CA TYR A 38 12.13 4.03 1.83
C TYR A 38 13.65 4.00 2.07
N LYS A 39 14.35 5.03 1.62
CA LYS A 39 15.83 5.05 1.79
C LYS A 39 16.24 5.31 3.25
N TYR A 40 15.48 6.11 3.96
CA TYR A 40 15.76 6.31 5.37
C TYR A 40 15.81 4.96 6.06
N LEU A 41 14.92 4.02 5.72
CA LEU A 41 14.97 2.62 6.25
C LEU A 41 16.06 1.68 5.70
N LEU A 42 16.30 1.67 4.40
CA LEU A 42 17.49 0.93 3.89
C LEU A 42 18.79 1.35 4.51
N GLN A 43 19.00 2.65 4.80
CA GLN A 43 20.28 3.16 5.44
C GLN A 43 20.49 2.62 6.88
N LEU A 44 19.55 1.90 7.49
CA LEU A 44 19.84 1.24 8.79
C LEU A 44 20.64 -0.05 8.51
N PRO A 45 21.36 -0.60 9.52
CA PRO A 45 22.02 -1.99 9.29
C PRO A 45 21.00 -3.15 8.96
N GLY A 46 21.37 -4.19 8.18
CA GLY A 46 20.30 -5.15 7.68
C GLY A 46 20.46 -6.03 6.41
N LYS A 47 20.32 -5.41 5.22
CA LYS A 47 20.45 -6.08 3.87
C LYS A 47 21.57 -7.16 3.75
N GLN A 48 22.74 -6.91 4.38
CA GLN A 48 23.87 -7.86 4.38
C GLN A 48 23.38 -9.33 4.47
N VAL A 49 22.59 -9.65 5.51
CA VAL A 49 22.23 -11.07 5.88
C VAL A 49 21.14 -11.70 4.98
N ARG A 50 20.08 -10.93 4.77
CA ARG A 50 19.00 -11.33 3.87
C ARG A 50 19.43 -11.65 2.40
N THR A 51 20.68 -11.36 2.06
CA THR A 51 21.28 -11.78 0.81
C THR A 51 22.25 -13.00 0.99
N LYS A 52 22.96 -13.16 2.13
CA LYS A 52 23.69 -14.44 2.38
C LYS A 52 22.69 -15.63 2.27
N LEU A 53 21.41 -15.35 2.61
CA LEU A 53 20.26 -16.33 2.55
C LEU A 53 19.79 -16.85 1.19
N SER A 54 19.35 -15.92 0.36
CA SER A 54 19.08 -16.23 -1.03
C SER A 54 20.18 -17.07 -1.59
N GLN A 55 21.40 -16.53 -1.66
CA GLN A 55 22.47 -17.23 -2.37
C GLN A 55 22.49 -18.64 -1.84
N ALA A 56 22.47 -18.79 -0.51
CA ALA A 56 22.57 -20.12 0.10
C ALA A 56 21.56 -21.13 -0.47
N PHE A 57 20.32 -20.69 -0.64
CA PHE A 57 19.24 -21.55 -1.12
C PHE A 57 19.47 -21.91 -2.53
N ASN A 58 19.97 -20.94 -3.30
CA ASN A 58 20.30 -21.18 -4.70
C ASN A 58 21.23 -22.36 -4.91
N HIS A 59 22.05 -22.71 -3.92
CA HIS A 59 22.76 -24.01 -3.88
C HIS A 59 21.92 -25.23 -4.28
N TRP A 60 20.62 -25.23 -3.97
CA TRP A 60 19.71 -26.25 -4.50
C TRP A 60 19.15 -25.79 -5.86
N LEU A 61 18.66 -24.54 -5.93
CA LEU A 61 17.84 -24.15 -7.05
C LEU A 61 18.56 -23.68 -8.26
N LYS A 62 19.89 -23.58 -8.23
CA LYS A 62 20.73 -23.35 -9.44
C LYS A 62 20.20 -22.30 -10.45
N VAL A 63 19.61 -21.20 -9.94
CA VAL A 63 18.85 -20.20 -10.73
C VAL A 63 19.80 -19.24 -11.44
N PRO A 64 19.50 -18.79 -12.69
CA PRO A 64 20.36 -17.75 -13.33
C PRO A 64 20.56 -16.48 -12.49
N GLU A 65 21.70 -15.82 -12.65
CA GLU A 65 22.07 -14.69 -11.84
C GLU A 65 21.14 -13.50 -12.03
N ASP A 66 20.92 -13.08 -13.26
CA ASP A 66 19.98 -11.94 -13.56
C ASP A 66 18.65 -12.05 -12.87
N LYS A 67 18.18 -13.29 -12.80
CA LYS A 67 16.88 -13.60 -12.21
C LYS A 67 16.94 -13.50 -10.70
N LEU A 68 17.97 -14.09 -10.11
CA LEU A 68 18.13 -14.07 -8.68
C LEU A 68 18.28 -12.68 -8.16
N GLN A 69 18.94 -11.81 -8.92
CA GLN A 69 19.07 -10.45 -8.43
C GLN A 69 17.72 -9.78 -8.35
N ILE A 70 16.92 -9.96 -9.39
CA ILE A 70 15.62 -9.31 -9.44
C ILE A 70 14.76 -9.83 -8.30
N ILE A 71 14.83 -11.13 -8.07
CA ILE A 71 14.08 -11.69 -6.97
C ILE A 71 14.49 -11.08 -5.62
N ILE A 72 15.80 -11.01 -5.37
CA ILE A 72 16.38 -10.44 -4.13
C ILE A 72 15.91 -8.97 -3.99
N GLU A 73 16.02 -8.14 -5.04
CA GLU A 73 15.55 -6.73 -5.01
C GLU A 73 14.07 -6.64 -4.63
N VAL A 74 13.28 -7.52 -5.21
CA VAL A 74 11.85 -7.49 -4.97
C VAL A 74 11.60 -7.84 -3.55
N THR A 75 12.25 -8.89 -3.12
CA THR A 75 12.05 -9.33 -1.77
C THR A 75 12.47 -8.26 -0.77
N GLU A 76 13.56 -7.56 -1.07
CA GLU A 76 14.04 -6.51 -0.20
C GLU A 76 13.07 -5.29 -0.26
N MET A 77 12.60 -4.97 -1.46
CA MET A 77 11.57 -3.93 -1.59
C MET A 77 10.35 -4.16 -0.72
N LEU A 78 9.82 -5.38 -0.68
CA LEU A 78 8.58 -5.58 0.10
C LEU A 78 8.84 -5.51 1.57
N HIS A 79 9.92 -6.19 1.98
CA HIS A 79 10.40 -6.16 3.37
C HIS A 79 10.40 -4.76 3.98
N ASN A 80 11.11 -3.86 3.31
CA ASN A 80 11.29 -2.52 3.81
C ASN A 80 10.03 -1.73 3.77
N ALA A 81 9.28 -1.85 2.68
CA ALA A 81 8.02 -1.12 2.63
C ALA A 81 7.07 -1.58 3.71
N SER A 82 7.08 -2.86 4.06
CA SER A 82 6.23 -3.32 5.08
C SER A 82 6.59 -2.80 6.46
N LEU A 83 7.88 -2.64 6.74
CA LEU A 83 8.32 -2.10 8.04
C LEU A 83 7.87 -0.62 8.24
N LEU A 84 7.90 0.13 7.15
CA LEU A 84 7.37 1.48 7.17
C LEU A 84 5.96 1.55 7.62
N ILE A 85 5.13 0.63 7.14
CA ILE A 85 3.75 0.56 7.54
C ILE A 85 3.65 -0.04 8.93
N ASP A 86 4.41 -1.10 9.22
CA ASP A 86 4.26 -1.70 10.58
C ASP A 86 4.52 -0.65 11.61
N ASP A 87 5.51 0.21 11.33
CA ASP A 87 5.88 1.24 12.29
C ASP A 87 4.70 2.17 12.61
N ILE A 88 3.99 2.60 11.59
CA ILE A 88 2.82 3.47 11.77
C ILE A 88 1.74 2.69 12.50
N GLU A 89 1.46 1.46 12.05
CA GLU A 89 0.40 0.71 12.67
C GLU A 89 0.67 0.34 14.12
N ASP A 90 1.89 -0.06 14.48
CA ASP A 90 2.15 -0.38 15.89
C ASP A 90 2.40 0.87 16.72
N ASN A 91 2.41 1.99 16.04
CA ASN A 91 2.62 3.25 16.69
C ASN A 91 4.02 3.25 17.35
N SER A 92 5.03 2.89 16.59
CA SER A 92 6.39 2.83 17.13
C SER A 92 7.04 4.20 17.20
N LYS A 93 7.92 4.37 18.17
CA LYS A 93 8.67 5.63 18.26
C LYS A 93 10.06 5.48 17.66
N LEU A 94 10.70 4.35 17.88
CA LEU A 94 11.99 4.11 17.28
C LEU A 94 12.14 2.81 16.51
N ARG A 95 13.23 2.72 15.77
CA ARG A 95 13.58 1.53 15.06
C ARG A 95 15.08 1.46 15.00
N ARG A 96 15.67 0.42 15.57
CA ARG A 96 17.14 0.22 15.56
C ARG A 96 17.79 1.51 16.17
N GLY A 97 17.18 1.98 17.25
CA GLY A 97 17.55 3.26 17.82
C GLY A 97 17.18 4.55 17.12
N PHE A 98 16.94 4.61 15.82
CA PHE A 98 16.57 5.89 15.23
C PHE A 98 15.09 6.18 15.22
N PRO A 99 14.71 7.45 15.01
CA PRO A 99 13.32 7.72 14.82
C PRO A 99 12.76 6.95 13.66
N VAL A 100 11.49 6.63 13.82
CA VAL A 100 10.70 5.97 12.81
C VAL A 100 10.51 6.93 11.67
N ALA A 101 10.30 6.42 10.47
CA ALA A 101 10.23 7.27 9.30
C ALA A 101 9.12 8.31 9.36
N HIS A 102 7.98 7.94 9.88
CA HIS A 102 6.84 8.90 9.87
C HIS A 102 7.02 10.03 10.88
N SER A 103 7.90 9.91 11.84
CA SER A 103 8.10 11.05 12.73
C SER A 103 8.93 12.05 11.97
N ILE A 104 9.83 11.61 11.08
CA ILE A 104 10.57 12.57 10.24
C ILE A 104 9.83 13.00 8.99
N TYR A 105 9.26 12.10 8.20
CA TYR A 105 8.65 12.55 6.95
C TYR A 105 7.14 12.83 7.00
N GLY A 106 6.54 12.46 8.12
CA GLY A 106 5.11 12.48 8.24
C GLY A 106 4.43 11.25 7.72
N ILE A 107 3.26 10.98 8.31
CA ILE A 107 2.43 9.86 7.93
C ILE A 107 2.09 9.83 6.45
N PRO A 108 1.61 10.95 5.92
CA PRO A 108 1.24 10.90 4.50
C PRO A 108 2.35 10.48 3.63
N SER A 109 3.47 11.07 3.79
CA SER A 109 4.52 10.81 2.85
C SER A 109 5.02 9.36 2.97
N VAL A 110 4.96 8.80 4.15
CA VAL A 110 5.43 7.47 4.37
C VAL A 110 4.48 6.41 3.82
N ILE A 111 3.20 6.56 4.08
CA ILE A 111 2.24 5.72 3.42
C ILE A 111 2.45 5.75 1.88
N ASN A 112 2.46 6.95 1.33
CA ASN A 112 2.64 7.12 -0.08
C ASN A 112 3.87 6.42 -0.60
N SER A 113 4.96 6.50 0.12
CA SER A 113 6.23 5.88 -0.25
C SER A 113 6.22 4.37 -0.14
N ALA A 114 5.75 3.84 0.95
CA ALA A 114 5.70 2.41 1.06
C ALA A 114 4.82 1.77 -0.04
N ASN A 115 3.65 2.35 -0.29
CA ASN A 115 2.71 1.80 -1.26
C ASN A 115 3.35 1.92 -2.64
N TYR A 116 3.90 3.08 -2.96
CA TYR A 116 4.61 3.25 -4.22
C TYR A 116 5.70 2.17 -4.43
N VAL A 117 6.36 1.74 -3.36
CA VAL A 117 7.41 0.73 -3.47
C VAL A 117 6.80 -0.62 -3.74
N TYR A 118 5.68 -0.90 -3.12
CA TYR A 118 5.02 -2.16 -3.39
C TYR A 118 4.78 -2.29 -4.89
N PHE A 119 4.28 -1.24 -5.51
CA PHE A 119 3.97 -1.36 -6.92
C PHE A 119 5.18 -1.34 -7.76
N LEU A 120 6.28 -0.77 -7.28
CA LEU A 120 7.50 -0.85 -8.02
C LEU A 120 8.00 -2.28 -7.89
N GLY A 121 7.75 -2.91 -6.76
CA GLY A 121 8.04 -4.33 -6.57
C GLY A 121 7.31 -5.20 -7.57
N LEU A 122 6.05 -4.82 -7.84
CA LEU A 122 5.22 -5.43 -8.87
C LEU A 122 5.87 -5.26 -10.28
N GLU A 123 6.21 -4.03 -10.64
CA GLU A 123 6.82 -3.74 -11.92
C GLU A 123 8.02 -4.62 -12.16
N LYS A 124 8.66 -4.89 -11.05
CA LYS A 124 9.96 -5.48 -11.08
C LYS A 124 9.74 -6.98 -11.26
N VAL A 125 8.73 -7.51 -10.54
CA VAL A 125 8.35 -8.89 -10.70
C VAL A 125 8.02 -9.18 -12.15
N LEU A 126 7.30 -8.26 -12.81
CA LEU A 126 6.99 -8.43 -14.21
C LEU A 126 8.22 -8.66 -15.11
N THR A 127 9.35 -8.14 -14.73
CA THR A 127 10.55 -8.25 -15.53
C THR A 127 11.06 -9.69 -15.45
N LEU A 128 10.65 -10.45 -14.44
CA LEU A 128 11.01 -11.84 -14.42
C LEU A 128 10.49 -12.56 -15.63
N ASP A 129 9.33 -12.12 -16.12
CA ASP A 129 8.75 -12.63 -17.36
C ASP A 129 8.47 -14.14 -17.29
N HIS A 130 7.59 -14.49 -16.37
CA HIS A 130 7.17 -15.84 -16.16
C HIS A 130 5.81 -15.72 -15.50
N PRO A 131 4.73 -16.18 -16.16
CA PRO A 131 3.29 -15.98 -15.69
C PRO A 131 2.93 -16.25 -14.23
N ASP A 132 3.53 -17.27 -13.62
CA ASP A 132 3.21 -17.54 -12.21
C ASP A 132 3.72 -16.50 -11.19
N ALA A 133 4.66 -15.65 -11.64
CA ALA A 133 5.40 -14.75 -10.77
C ALA A 133 4.46 -13.75 -10.08
N VAL A 134 3.52 -13.23 -10.82
CA VAL A 134 2.60 -12.26 -10.30
C VAL A 134 1.59 -12.92 -9.43
N LYS A 135 1.07 -14.09 -9.85
CA LYS A 135 0.18 -14.94 -9.02
C LYS A 135 0.85 -15.05 -7.63
N LEU A 136 2.14 -15.37 -7.59
CA LEU A 136 2.84 -15.65 -6.33
C LEU A 136 3.01 -14.43 -5.45
N PHE A 137 3.41 -13.35 -6.11
CA PHE A 137 3.53 -11.99 -5.55
C PHE A 137 2.25 -11.53 -4.99
N THR A 138 1.20 -11.63 -5.79
CA THR A 138 -0.09 -11.20 -5.31
C THR A 138 -0.55 -11.90 -4.03
N ARG A 139 -0.35 -13.20 -3.93
CA ARG A 139 -0.77 -13.97 -2.78
C ARG A 139 0.01 -13.53 -1.58
N GLN A 140 1.32 -13.38 -1.77
CA GLN A 140 2.12 -12.93 -0.64
C GLN A 140 1.68 -11.59 -0.14
N LEU A 141 1.34 -10.70 -1.03
CA LEU A 141 0.97 -9.41 -0.57
C LEU A 141 -0.34 -9.43 0.13
N LEU A 142 -1.25 -10.29 -0.28
CA LEU A 142 -2.50 -10.42 0.40
C LEU A 142 -2.19 -11.06 1.73
N GLU A 143 -1.27 -12.04 1.77
CA GLU A 143 -0.97 -12.74 3.01
C GLU A 143 -0.50 -11.75 4.05
N LEU A 144 0.38 -10.89 3.62
CA LEU A 144 1.01 -9.91 4.46
C LEU A 144 -0.01 -9.00 5.08
N HIS A 145 -0.98 -8.57 4.32
CA HIS A 145 -1.92 -7.59 4.89
C HIS A 145 -2.84 -8.21 5.93
N GLN A 146 -3.22 -9.45 5.69
CA GLN A 146 -3.91 -10.27 6.66
C GLN A 146 -3.10 -10.37 7.91
N GLY A 147 -1.79 -10.48 7.77
CA GLY A 147 -0.96 -10.48 8.94
C GLY A 147 -1.05 -9.21 9.76
N GLN A 148 -0.87 -8.06 9.11
CA GLN A 148 -1.08 -6.79 9.73
C GLN A 148 -2.47 -6.73 10.41
N GLY A 149 -3.48 -7.23 9.74
CA GLY A 149 -4.80 -7.34 10.28
C GLY A 149 -4.94 -8.04 11.60
N LEU A 150 -4.26 -9.14 11.72
CA LEU A 150 -4.22 -9.82 12.97
C LEU A 150 -3.62 -8.99 14.10
N ASP A 151 -2.53 -8.36 13.77
CA ASP A 151 -1.85 -7.57 14.71
C ASP A 151 -2.81 -6.45 15.18
N ILE A 152 -3.41 -5.69 14.29
CA ILE A 152 -4.42 -4.71 14.72
C ILE A 152 -5.65 -5.29 15.49
N TYR A 153 -6.14 -6.46 15.08
CA TYR A 153 -7.20 -7.17 15.81
C TYR A 153 -6.98 -7.47 17.30
N TRP A 154 -5.84 -8.06 17.61
CA TRP A 154 -5.45 -8.28 18.96
C TRP A 154 -5.33 -6.99 19.68
N ARG A 155 -4.88 -5.93 19.01
CA ARG A 155 -4.77 -4.67 19.72
C ARG A 155 -6.12 -4.02 19.98
N ASP A 156 -7.08 -4.18 19.07
CA ASP A 156 -8.42 -3.63 19.26
C ASP A 156 -9.15 -4.32 20.36
N ASN A 157 -8.83 -5.58 20.63
CA ASN A 157 -9.44 -6.32 21.66
C ASN A 157 -8.58 -6.39 22.93
N TYR A 158 -7.59 -5.53 23.09
CA TYR A 158 -6.89 -5.43 24.39
C TYR A 158 -6.35 -6.74 24.85
N THR A 159 -5.85 -7.46 23.87
CA THR A 159 -5.26 -8.71 24.17
C THR A 159 -4.05 -8.93 23.38
N CYS A 160 -3.55 -10.14 23.47
CA CYS A 160 -2.24 -10.47 23.05
C CYS A 160 -2.22 -11.93 22.54
N PRO A 161 -1.58 -12.22 21.39
CA PRO A 161 -1.64 -13.60 20.91
C PRO A 161 -0.98 -14.60 21.82
N THR A 162 -1.32 -15.83 21.61
CA THR A 162 -0.60 -16.91 22.20
C THR A 162 0.72 -17.09 21.44
N GLU A 163 1.64 -17.88 22.01
CA GLU A 163 2.89 -18.23 21.33
C GLU A 163 2.58 -18.88 20.00
N GLU A 164 1.60 -19.77 19.97
CA GLU A 164 1.24 -20.42 18.70
C GLU A 164 0.66 -19.43 17.72
N GLU A 165 -0.24 -18.56 18.17
CA GLU A 165 -0.76 -17.50 17.29
C GLU A 165 0.28 -16.43 16.82
N TYR A 166 1.20 -16.05 17.71
CA TYR A 166 2.31 -15.18 17.33
C TYR A 166 3.08 -15.79 16.17
N LYS A 167 3.51 -17.05 16.32
CA LYS A 167 4.23 -17.74 15.26
C LYS A 167 3.53 -17.66 13.91
N ALA A 168 2.22 -17.94 13.93
CA ALA A 168 1.44 -17.97 12.72
C ALA A 168 1.48 -16.60 12.06
N MET A 169 1.33 -15.54 12.85
CA MET A 169 1.36 -14.17 12.34
C MET A 169 2.70 -13.85 11.64
N VAL A 170 3.81 -14.25 12.26
CA VAL A 170 5.19 -14.12 11.72
C VAL A 170 5.29 -14.76 10.32
N LEU A 171 4.97 -16.06 10.24
CA LEU A 171 4.92 -16.72 8.94
C LEU A 171 4.07 -16.01 7.86
N GLN A 172 3.18 -15.14 8.28
CA GLN A 172 2.35 -14.51 7.32
C GLN A 172 3.01 -13.22 6.95
N LYS A 173 3.31 -12.42 7.95
CA LYS A 173 4.11 -11.20 7.76
C LYS A 173 5.55 -11.37 7.20
N THR A 174 6.40 -10.51 7.75
CA THR A 174 7.79 -10.33 7.33
C THR A 174 8.74 -11.57 7.57
N GLY A 175 8.24 -12.75 7.96
CA GLY A 175 8.91 -14.04 7.72
C GLY A 175 8.29 -14.67 6.47
N GLY A 176 6.98 -14.66 6.32
CA GLY A 176 6.34 -15.17 5.06
C GLY A 176 7.14 -14.92 3.76
N LEU A 177 7.77 -13.71 3.68
CA LEU A 177 8.53 -13.15 2.52
C LEU A 177 9.69 -13.91 1.93
N PHE A 178 10.50 -14.55 2.77
CA PHE A 178 11.43 -15.59 2.28
C PHE A 178 10.72 -16.48 1.29
N GLY A 179 9.56 -16.96 1.72
CA GLY A 179 8.78 -17.90 0.96
C GLY A 179 8.47 -17.45 -0.42
N LEU A 180 8.16 -16.17 -0.57
CA LEU A 180 7.97 -15.57 -1.90
C LEU A 180 9.27 -15.65 -2.72
N ALA A 181 10.36 -15.32 -2.06
CA ALA A 181 11.69 -15.25 -2.64
C ALA A 181 12.09 -16.62 -3.17
N VAL A 182 11.88 -17.64 -2.35
CA VAL A 182 12.19 -19.02 -2.72
C VAL A 182 11.07 -19.57 -3.63
N GLY A 183 9.82 -19.15 -3.47
CA GLY A 183 8.77 -19.53 -4.39
C GLY A 183 9.11 -19.11 -5.82
N LEU A 184 9.64 -17.89 -5.98
CA LEU A 184 9.94 -17.30 -7.30
C LEU A 184 11.17 -17.89 -7.86
N MET A 185 12.12 -18.16 -6.99
CA MET A 185 13.32 -18.86 -7.43
C MET A 185 12.99 -20.22 -8.03
N GLN A 186 12.06 -20.94 -7.38
CA GLN A 186 11.67 -22.31 -7.74
C GLN A 186 11.10 -22.37 -9.15
N LEU A 187 10.34 -21.33 -9.52
CA LEU A 187 9.84 -21.17 -10.87
C LEU A 187 10.90 -21.19 -11.95
N PHE A 188 12.18 -20.99 -11.59
CA PHE A 188 13.24 -20.96 -12.58
C PHE A 188 14.20 -22.10 -12.35
N SER A 189 13.79 -23.08 -11.54
CA SER A 189 14.64 -24.25 -11.23
C SER A 189 14.00 -25.56 -11.66
N ASP A 190 14.86 -26.55 -11.92
CA ASP A 190 14.40 -27.92 -11.99
C ASP A 190 14.30 -28.62 -10.60
N TYR A 191 14.75 -27.97 -9.52
CA TYR A 191 14.66 -28.55 -8.19
C TYR A 191 13.22 -28.37 -7.72
N LYS A 192 12.45 -29.46 -7.80
CA LYS A 192 11.02 -29.36 -7.45
C LYS A 192 10.57 -30.09 -6.13
N GLU A 193 11.54 -30.60 -5.35
CA GLU A 193 11.28 -31.06 -3.96
C GLU A 193 10.74 -29.94 -3.07
N ASP A 194 9.99 -30.27 -2.01
CA ASP A 194 9.23 -29.24 -1.26
C ASP A 194 9.96 -28.59 -0.05
N LEU A 195 10.15 -27.26 -0.13
CA LEU A 195 10.91 -26.48 0.87
C LEU A 195 10.08 -25.69 1.87
N LYS A 196 8.79 -25.49 1.58
CA LYS A 196 7.86 -24.90 2.57
C LYS A 196 8.19 -25.25 4.10
N PRO A 197 8.26 -26.53 4.47
CA PRO A 197 8.72 -26.94 5.81
C PRO A 197 9.95 -26.20 6.35
N LEU A 198 11.08 -26.29 5.64
CA LEU A 198 12.34 -25.65 6.04
C LEU A 198 12.23 -24.14 6.09
N LEU A 199 11.49 -23.61 5.11
CA LEU A 199 11.15 -22.19 5.09
C LEU A 199 10.38 -21.77 6.33
N ASN A 200 9.35 -22.51 6.77
CA ASN A 200 8.65 -22.09 8.01
C ASN A 200 9.66 -22.03 9.12
N THR A 201 10.50 -23.03 9.17
CA THR A 201 11.42 -23.21 10.28
C THR A 201 12.38 -22.03 10.33
N LEU A 202 12.93 -21.60 9.19
CA LEU A 202 13.85 -20.46 9.19
C LEU A 202 13.15 -19.13 9.52
N GLY A 203 11.92 -18.96 9.02
CA GLY A 203 11.07 -17.80 9.29
C GLY A 203 10.93 -17.49 10.76
N LEU A 204 10.62 -18.55 11.51
CA LEU A 204 10.42 -18.46 12.94
C LEU A 204 11.74 -18.22 13.62
N PHE A 205 12.73 -18.98 13.21
CA PHE A 205 14.08 -18.81 13.67
C PHE A 205 14.64 -17.39 13.50
N PHE A 206 14.48 -16.78 12.33
CA PHE A 206 14.95 -15.36 12.16
C PHE A 206 14.22 -14.34 13.02
N GLN A 207 12.88 -14.40 13.02
CA GLN A 207 12.08 -13.51 13.81
C GLN A 207 12.36 -13.56 15.30
N ILE A 208 12.44 -14.78 15.81
CA ILE A 208 12.52 -14.99 17.25
C ILE A 208 13.89 -14.60 17.74
N ARG A 209 14.92 -14.94 16.93
CA ARG A 209 16.32 -14.49 17.11
C ARG A 209 16.34 -13.00 17.26
N ASP A 210 15.73 -12.33 16.30
CA ASP A 210 15.56 -10.89 16.33
C ASP A 210 14.88 -10.41 17.60
N ASP A 211 13.69 -10.97 17.91
CA ASP A 211 12.97 -10.60 19.13
C ASP A 211 13.94 -10.72 20.33
N TYR A 212 14.68 -11.84 20.39
CA TYR A 212 15.64 -12.12 21.45
C TYR A 212 16.71 -11.09 21.52
N ALA A 213 17.35 -10.89 20.37
CA ALA A 213 18.43 -9.94 20.24
C ALA A 213 17.99 -8.57 20.70
N ASN A 214 16.89 -8.10 20.15
CA ASN A 214 16.44 -6.75 20.43
C ASN A 214 16.21 -6.49 21.92
N LEU A 215 15.64 -7.41 22.68
CA LEU A 215 15.48 -7.21 24.15
C LEU A 215 16.76 -7.43 24.96
N HIS A 216 17.37 -8.61 24.80
CA HIS A 216 18.66 -8.98 25.46
C HIS A 216 19.78 -7.90 25.23
N SER A 217 19.70 -7.06 24.17
CA SER A 217 20.36 -5.70 24.05
C SER A 217 20.65 -5.00 25.38
N ASN A 223 18.83 2.86 30.13
CA ASN A 223 17.55 3.12 30.76
C ASN A 223 17.35 2.27 32.07
N LYS A 224 16.11 2.27 32.56
CA LYS A 224 15.49 1.24 33.41
C LYS A 224 14.19 0.89 32.66
N SER A 225 14.30 0.65 31.36
CA SER A 225 13.19 0.75 30.40
C SER A 225 11.98 -0.22 30.69
N PHE A 226 10.74 0.16 30.33
CA PHE A 226 9.55 -0.74 30.45
C PHE A 226 9.37 -1.65 29.19
N CYS A 227 8.55 -2.68 29.28
CA CYS A 227 8.52 -3.67 28.18
C CYS A 227 8.00 -3.17 26.85
N GLU A 228 6.94 -2.35 26.85
CA GLU A 228 6.38 -1.74 25.58
C GLU A 228 7.47 -0.94 24.85
N ASP A 229 8.22 -0.14 25.62
CA ASP A 229 9.25 0.69 25.07
C ASP A 229 10.35 -0.17 24.43
N LEU A 230 10.84 -1.20 25.08
CA LEU A 230 11.84 -2.08 24.42
C LEU A 230 11.35 -2.79 23.16
N THR A 231 10.11 -3.25 23.16
CA THR A 231 9.57 -3.99 22.02
C THR A 231 9.16 -3.05 20.86
N GLU A 232 9.24 -1.73 21.09
CA GLU A 232 8.83 -0.67 20.19
C GLU A 232 7.39 -0.84 19.79
N GLY A 233 6.61 -1.18 20.81
CA GLY A 233 5.19 -1.41 20.62
C GLY A 233 4.86 -2.63 19.79
N LYS A 234 5.76 -3.55 19.59
CA LYS A 234 5.52 -4.75 18.78
C LYS A 234 5.37 -5.99 19.69
N PHE A 235 4.49 -6.92 19.31
CA PHE A 235 4.43 -8.21 19.94
C PHE A 235 5.76 -8.89 19.71
N SER A 236 6.32 -9.51 20.75
CA SER A 236 7.67 -10.09 20.70
C SER A 236 7.69 -11.42 21.47
N PHE A 237 8.32 -12.44 20.91
CA PHE A 237 8.36 -13.75 21.58
C PHE A 237 8.66 -13.76 23.07
N PRO A 238 9.72 -13.10 23.54
CA PRO A 238 9.94 -13.22 24.99
C PRO A 238 8.87 -12.58 25.82
N THR A 239 8.38 -11.42 25.41
CA THR A 239 7.33 -10.75 26.21
C THR A 239 5.99 -11.51 26.16
N ILE A 240 5.65 -12.18 25.04
CA ILE A 240 4.43 -13.05 24.94
C ILE A 240 4.50 -14.17 25.96
N HIS A 241 5.59 -14.91 25.91
CA HIS A 241 5.73 -16.02 26.77
C HIS A 241 5.63 -15.57 28.21
N ALA A 242 6.20 -14.41 28.50
CA ALA A 242 6.21 -13.94 29.86
C ALA A 242 4.78 -13.58 30.30
N ILE A 243 4.04 -13.00 29.41
CA ILE A 243 2.64 -12.66 29.69
C ILE A 243 1.79 -13.92 29.95
N TRP A 244 2.08 -15.04 29.29
CA TRP A 244 1.28 -16.25 29.51
C TRP A 244 1.89 -17.14 30.56
N SER A 245 2.90 -16.69 31.29
CA SER A 245 3.69 -17.58 32.11
C SER A 245 3.88 -17.05 33.55
N ARG A 246 2.82 -16.60 34.29
CA ARG A 246 2.73 -16.72 35.82
C ARG A 246 1.31 -16.46 36.12
N ILE A 255 -10.69 -18.29 26.97
CA ILE A 255 -11.89 -17.41 27.10
C ILE A 255 -11.54 -15.90 27.52
N LEU A 256 -11.12 -15.64 28.81
CA LEU A 256 -10.70 -14.29 29.34
C LEU A 256 -9.49 -13.70 28.48
N ARG A 257 -9.34 -12.37 28.36
CA ARG A 257 -8.23 -11.70 27.58
C ARG A 257 -7.01 -11.72 28.41
N GLN A 258 -5.92 -11.40 27.79
CA GLN A 258 -4.70 -11.28 28.49
C GLN A 258 -4.43 -9.84 28.94
N ARG A 259 -4.18 -9.63 30.24
CA ARG A 259 -3.89 -8.28 30.88
C ARG A 259 -2.34 -7.90 31.04
N THR A 260 -1.87 -7.50 29.83
CA THR A 260 -0.50 -7.41 29.32
C THR A 260 0.27 -6.16 29.79
N GLU A 261 -0.50 -5.12 30.15
CA GLU A 261 -0.13 -3.99 31.04
C GLU A 261 0.85 -4.31 32.23
N ASN A 262 0.85 -5.50 32.91
CA ASN A 262 1.90 -5.72 34.03
C ASN A 262 3.35 -6.00 33.47
N ILE A 263 3.50 -7.02 32.60
CA ILE A 263 4.74 -7.24 31.83
C ILE A 263 5.08 -6.05 30.81
N ASP A 264 4.13 -5.11 30.52
CA ASP A 264 4.30 -3.86 29.63
C ASP A 264 4.91 -2.65 30.30
N ILE A 265 4.28 -2.23 31.40
CA ILE A 265 4.80 -1.23 32.32
C ILE A 265 5.20 -2.15 33.47
N LYS A 266 6.35 -2.83 33.28
CA LYS A 266 7.19 -3.42 34.39
C LYS A 266 8.61 -2.92 34.17
N LYS A 267 9.04 -2.06 35.12
CA LYS A 267 10.34 -1.39 35.12
C LYS A 267 11.52 -2.39 35.11
N ASP A 268 12.57 -1.99 34.38
CA ASP A 268 13.80 -2.77 34.18
C ASP A 268 13.50 -4.12 33.45
N CYS A 269 12.59 -4.14 32.46
CA CYS A 269 12.16 -5.40 31.80
C CYS A 269 13.24 -6.40 31.66
N VAL A 270 14.38 -5.95 31.11
CA VAL A 270 15.45 -6.86 30.82
C VAL A 270 15.77 -7.72 32.04
N HIS A 271 15.28 -7.37 33.27
CA HIS A 271 15.20 -8.30 34.49
C HIS A 271 13.84 -9.04 34.57
N TYR A 272 12.75 -8.48 35.03
CA TYR A 272 11.49 -9.29 34.99
C TYR A 272 11.50 -10.41 33.95
N LEU A 273 12.14 -10.16 32.81
CA LEU A 273 12.27 -11.18 31.76
C LEU A 273 13.31 -12.23 32.04
N GLU A 274 14.46 -11.84 32.59
CA GLU A 274 15.43 -12.81 33.29
C GLU A 274 14.68 -13.69 34.38
N ASP A 275 13.82 -13.05 35.22
CA ASP A 275 13.05 -13.64 36.37
C ASP A 275 12.11 -14.78 36.02
N VAL A 276 11.00 -14.53 35.34
CA VAL A 276 10.14 -15.60 34.84
C VAL A 276 10.94 -16.60 33.99
N GLY A 277 12.17 -16.26 33.57
CA GLY A 277 12.96 -17.11 32.69
C GLY A 277 12.58 -17.12 31.20
N SER A 278 12.01 -16.02 30.67
CA SER A 278 11.70 -16.01 29.25
C SER A 278 12.93 -16.02 28.39
N PHE A 279 14.01 -15.35 28.82
CA PHE A 279 15.26 -15.37 28.02
C PHE A 279 15.78 -16.78 27.88
N GLU A 280 15.89 -17.48 29.01
CA GLU A 280 16.03 -18.96 29.06
C GLU A 280 15.13 -19.76 28.05
N TYR A 281 13.81 -19.76 28.23
CA TYR A 281 12.83 -20.37 27.28
C TYR A 281 13.06 -20.09 25.83
N THR A 282 13.47 -18.85 25.57
CA THR A 282 13.62 -18.36 24.21
C THR A 282 14.84 -19.01 23.64
N ARG A 283 15.93 -19.00 24.41
CA ARG A 283 17.20 -19.62 24.01
C ARG A 283 16.90 -21.09 23.64
N ASN A 284 16.15 -21.79 24.49
CA ASN A 284 15.78 -23.18 24.26
C ASN A 284 14.98 -23.30 22.99
N THR A 285 13.96 -22.44 22.87
CA THR A 285 13.13 -22.39 21.66
C THR A 285 13.97 -22.25 20.37
N LEU A 286 15.03 -21.45 20.45
CA LEU A 286 15.88 -21.21 19.29
C LEU A 286 16.77 -22.41 19.02
N LYS A 287 17.42 -22.90 20.08
CA LYS A 287 18.21 -24.14 20.02
C LYS A 287 17.27 -25.17 19.34
N GLU A 288 16.03 -25.37 19.82
CA GLU A 288 15.14 -26.39 19.20
C GLU A 288 15.03 -26.22 17.68
N LEU A 289 14.80 -24.97 17.23
CA LEU A 289 14.62 -24.62 15.81
C LEU A 289 15.91 -24.72 14.98
N GLU A 290 17.01 -24.21 15.52
CA GLU A 290 18.39 -24.45 14.98
C GLU A 290 18.55 -25.89 14.54
N ALA A 291 18.13 -26.79 15.43
CA ALA A 291 18.31 -28.22 15.26
C ALA A 291 17.28 -28.77 14.27
N LYS A 292 16.01 -28.41 14.44
CA LYS A 292 15.01 -28.78 13.44
C LYS A 292 15.43 -28.37 12.02
N ALA A 293 16.15 -27.26 11.90
CA ALA A 293 16.58 -26.80 10.58
C ALA A 293 17.61 -27.80 10.01
N TYR A 294 18.71 -27.95 10.73
CA TYR A 294 19.76 -28.89 10.33
C TYR A 294 19.15 -30.24 9.93
N LYS A 295 18.04 -30.67 10.58
CA LYS A 295 17.39 -31.95 10.23
C LYS A 295 16.79 -31.79 8.83
N GLN A 296 15.78 -30.92 8.70
CA GLN A 296 15.12 -30.64 7.41
C GLN A 296 16.07 -30.27 6.25
N ILE A 297 17.24 -29.66 6.55
CA ILE A 297 18.28 -29.39 5.53
C ILE A 297 18.96 -30.65 4.98
N ASP A 298 19.23 -31.59 5.87
CA ASP A 298 19.84 -32.85 5.49
C ASP A 298 18.80 -33.60 4.66
N ALA A 299 17.54 -33.63 5.11
CA ALA A 299 16.46 -34.23 4.32
C ALA A 299 16.39 -33.72 2.88
N ARG A 300 16.72 -32.45 2.64
CA ARG A 300 16.78 -31.87 1.28
C ARG A 300 18.15 -32.02 0.55
N GLY A 301 19.02 -32.92 1.00
CA GLY A 301 20.31 -33.13 0.35
C GLY A 301 21.53 -32.60 1.07
N GLY A 302 21.41 -31.62 1.98
CA GLY A 302 22.59 -30.95 2.58
C GLY A 302 22.87 -29.65 1.84
N ASN A 303 23.45 -28.68 2.54
CA ASN A 303 23.64 -27.32 2.01
C ASN A 303 24.60 -26.68 3.00
N PRO A 304 25.89 -27.03 2.94
CA PRO A 304 26.91 -26.45 3.83
C PRO A 304 26.90 -24.91 3.89
N GLU A 305 26.55 -24.27 2.78
CA GLU A 305 26.56 -22.81 2.66
C GLU A 305 25.67 -22.15 3.67
N LEU A 306 24.47 -22.73 3.81
CA LEU A 306 23.38 -22.35 4.71
C LEU A 306 23.60 -22.79 6.17
N VAL A 307 24.25 -23.94 6.36
CA VAL A 307 24.56 -24.49 7.69
C VAL A 307 25.61 -23.61 8.38
N ALA A 308 26.62 -23.17 7.63
CA ALA A 308 27.53 -22.15 8.11
C ALA A 308 26.67 -20.97 8.57
N LEU A 309 25.81 -20.47 7.69
CA LEU A 309 24.92 -19.34 8.05
C LEU A 309 24.07 -19.53 9.31
N VAL A 310 23.50 -20.72 9.50
CA VAL A 310 22.77 -21.01 10.74
C VAL A 310 23.66 -20.98 11.99
N LYS A 311 24.86 -21.58 11.91
CA LYS A 311 25.77 -21.72 13.05
C LYS A 311 26.41 -20.37 13.43
N HIS A 312 26.61 -19.52 12.40
CA HIS A 312 27.03 -18.14 12.60
C HIS A 312 25.92 -17.48 13.36
N LEU A 313 24.70 -17.58 12.83
CA LEU A 313 23.53 -17.00 13.46
C LEU A 313 23.18 -17.55 14.87
N SER A 314 23.46 -18.83 15.13
CA SER A 314 23.18 -19.39 16.45
C SER A 314 24.02 -18.73 17.54
N LYS A 315 25.24 -18.28 17.23
CA LYS A 315 26.27 -18.02 18.27
C LYS A 315 25.78 -17.07 19.42
N MET A 316 24.72 -16.26 19.25
CA MET A 316 24.13 -15.50 20.40
C MET A 316 23.15 -16.22 21.41
N PHE A 317 23.36 -17.52 21.69
CA PHE A 317 22.55 -18.28 22.69
C PHE A 317 23.06 -19.70 23.03
N SER B 22 -8.73 -22.87 15.72
CA SER B 22 -9.14 -21.53 16.15
C SER B 22 -8.27 -20.47 15.42
N MET B 23 -7.16 -20.89 14.79
CA MET B 23 -6.41 -19.95 13.95
C MET B 23 -7.20 -19.70 12.63
N GLU B 24 -7.78 -20.73 11.99
CA GLU B 24 -8.51 -20.54 10.70
C GLU B 24 -9.82 -19.69 10.84
N LYS B 25 -10.48 -19.76 11.99
CA LYS B 25 -11.71 -18.98 12.23
C LYS B 25 -11.24 -17.53 12.29
N THR B 26 -10.49 -17.19 13.33
CA THR B 26 -9.82 -15.85 13.47
C THR B 26 -9.20 -15.27 12.13
N GLN B 27 -8.51 -16.09 11.35
CA GLN B 27 -8.13 -15.74 10.00
C GLN B 27 -9.26 -15.26 9.08
N GLU B 28 -10.38 -15.95 9.03
CA GLU B 28 -11.54 -15.53 8.19
C GLU B 28 -12.22 -14.28 8.66
N THR B 29 -12.35 -14.19 9.97
CA THR B 29 -12.89 -13.04 10.59
C THR B 29 -12.08 -11.83 10.25
N VAL B 30 -10.74 -11.96 10.23
CA VAL B 30 -9.87 -10.80 9.87
C VAL B 30 -10.11 -10.44 8.42
N GLN B 31 -10.33 -11.38 7.51
CA GLN B 31 -10.67 -10.96 6.13
C GLN B 31 -12.03 -10.29 6.04
N ARG B 32 -13.00 -10.60 6.89
CA ARG B 32 -14.29 -9.89 6.84
C ARG B 32 -13.93 -8.46 7.38
N ILE B 33 -13.14 -8.36 8.44
CA ILE B 33 -12.83 -7.07 9.08
C ILE B 33 -12.12 -6.10 8.17
N LEU B 34 -11.07 -6.55 7.50
CA LEU B 34 -10.31 -5.74 6.52
C LEU B 34 -11.17 -5.01 5.47
N LEU B 35 -12.39 -5.50 5.20
CA LEU B 35 -13.20 -4.83 4.23
C LEU B 35 -14.12 -3.73 4.81
N GLU B 36 -14.11 -3.54 6.12
CA GLU B 36 -15.11 -2.68 6.68
C GLU B 36 -14.87 -1.21 6.37
N PRO B 37 -13.62 -0.74 6.40
CA PRO B 37 -13.51 0.66 5.99
C PRO B 37 -13.83 0.87 4.52
N TYR B 38 -13.47 -0.08 3.65
CA TYR B 38 -13.85 -0.01 2.24
C TYR B 38 -15.37 0.16 2.06
N LYS B 39 -16.12 -0.70 2.69
CA LYS B 39 -17.55 -0.62 2.61
C LYS B 39 -18.11 0.61 3.29
N TYR B 40 -17.54 1.09 4.38
CA TYR B 40 -18.04 2.38 4.88
C TYR B 40 -18.15 3.37 3.75
N LEU B 41 -17.07 3.51 2.98
CA LEU B 41 -17.02 4.49 1.91
C LEU B 41 -18.00 4.19 0.80
N LEU B 42 -18.07 2.97 0.29
CA LEU B 42 -19.11 2.68 -0.66
C LEU B 42 -20.51 3.03 -0.20
N GLN B 43 -20.95 2.62 0.97
CA GLN B 43 -22.30 3.04 1.41
C GLN B 43 -22.52 4.56 1.48
N LEU B 44 -21.53 5.44 1.33
CA LEU B 44 -21.83 6.89 1.38
C LEU B 44 -22.72 7.29 0.18
N PRO B 45 -23.86 8.03 0.44
CA PRO B 45 -24.79 8.60 -0.60
C PRO B 45 -24.16 9.43 -1.77
N GLY B 46 -24.68 9.20 -3.01
CA GLY B 46 -24.16 9.73 -4.31
C GLY B 46 -23.19 8.80 -5.07
N ARG B 50 -18.73 5.07 -10.89
CA ARG B 50 -18.81 5.90 -12.11
C ARG B 50 -19.55 5.14 -13.30
N THR B 51 -20.83 4.78 -13.21
CA THR B 51 -21.39 3.65 -14.11
C THR B 51 -22.35 3.98 -15.34
N LYS B 52 -22.86 5.20 -15.44
CA LYS B 52 -23.38 5.68 -16.76
C LYS B 52 -22.17 5.69 -17.72
N LEU B 53 -21.01 6.01 -17.15
CA LEU B 53 -19.72 6.20 -17.84
C LEU B 53 -19.12 5.03 -18.60
N SER B 54 -18.82 3.96 -17.87
CA SER B 54 -18.40 2.67 -18.43
C SER B 54 -19.23 2.19 -19.63
N GLN B 55 -20.56 2.24 -19.52
CA GLN B 55 -21.39 1.87 -20.66
C GLN B 55 -21.22 2.88 -21.81
N ALA B 56 -21.04 4.16 -21.47
CA ALA B 56 -20.94 5.17 -22.53
C ALA B 56 -19.73 4.90 -23.40
N PHE B 57 -18.60 4.59 -22.79
CA PHE B 57 -17.41 4.23 -23.55
C PHE B 57 -17.58 2.91 -24.29
N ASN B 58 -18.28 1.96 -23.65
CA ASN B 58 -18.58 0.66 -24.23
C ASN B 58 -19.28 0.80 -25.61
N HIS B 59 -20.03 1.88 -25.83
CA HIS B 59 -20.49 2.28 -27.18
C HIS B 59 -19.45 2.17 -28.31
N TRP B 60 -18.18 2.49 -28.05
CA TRP B 60 -17.13 2.36 -29.07
C TRP B 60 -16.43 1.02 -28.92
N LEU B 61 -16.40 0.49 -27.71
CA LEU B 61 -15.42 -0.53 -27.43
C LEU B 61 -15.97 -1.93 -27.45
N LYS B 62 -17.31 -2.03 -27.55
CA LYS B 62 -18.06 -3.29 -27.76
C LYS B 62 -17.35 -4.42 -26.99
N VAL B 63 -17.31 -4.25 -25.65
CA VAL B 63 -16.65 -5.19 -24.73
C VAL B 63 -17.56 -6.34 -24.22
N PRO B 64 -17.01 -7.58 -24.14
CA PRO B 64 -17.77 -8.72 -23.55
C PRO B 64 -18.29 -8.38 -22.14
N GLU B 65 -19.62 -8.53 -21.88
CA GLU B 65 -20.19 -8.08 -20.58
C GLU B 65 -19.35 -8.60 -19.36
N ASP B 66 -19.02 -9.88 -19.34
CA ASP B 66 -18.27 -10.51 -18.24
C ASP B 66 -16.95 -9.85 -17.93
N LYS B 67 -16.28 -9.39 -18.97
CA LYS B 67 -14.99 -8.73 -18.85
C LYS B 67 -15.21 -7.30 -18.39
N LEU B 68 -16.23 -6.67 -18.98
CA LEU B 68 -16.68 -5.34 -18.57
C LEU B 68 -16.95 -5.31 -17.09
N GLN B 69 -17.69 -6.28 -16.56
CA GLN B 69 -18.07 -6.28 -15.15
C GLN B 69 -16.86 -6.33 -14.19
N ILE B 70 -15.90 -7.17 -14.54
CA ILE B 70 -14.66 -7.25 -13.88
C ILE B 70 -13.90 -5.91 -13.95
N ILE B 71 -13.90 -5.24 -15.11
CA ILE B 71 -13.22 -3.97 -15.21
C ILE B 71 -13.87 -2.94 -14.30
N ILE B 72 -15.19 -2.90 -14.33
CA ILE B 72 -15.95 -2.02 -13.50
C ILE B 72 -15.62 -2.19 -11.99
N GLU B 73 -15.55 -3.43 -11.55
CA GLU B 73 -15.28 -3.77 -10.17
C GLU B 73 -13.86 -3.39 -9.78
N VAL B 74 -12.89 -3.70 -10.62
CA VAL B 74 -11.51 -3.32 -10.37
C VAL B 74 -11.46 -1.80 -10.25
N THR B 75 -12.10 -1.10 -11.15
CA THR B 75 -12.01 0.34 -11.18
C THR B 75 -12.58 0.94 -9.90
N GLU B 76 -13.70 0.39 -9.47
CA GLU B 76 -14.40 0.83 -8.26
C GLU B 76 -13.57 0.54 -7.03
N MET B 77 -13.12 -0.68 -6.90
CA MET B 77 -12.18 -1.07 -5.88
C MET B 77 -10.96 -0.12 -5.77
N LEU B 78 -10.34 0.14 -6.89
CA LEU B 78 -9.14 0.91 -6.83
C LEU B 78 -9.49 2.32 -6.51
N HIS B 79 -10.60 2.79 -7.04
CA HIS B 79 -11.01 4.16 -6.84
C HIS B 79 -11.27 4.43 -5.36
N ASN B 80 -12.08 3.59 -4.68
CA ASN B 80 -12.38 3.87 -3.27
C ASN B 80 -11.23 3.53 -2.38
N ALA B 81 -10.41 2.55 -2.73
CA ALA B 81 -9.21 2.35 -1.92
C ALA B 81 -8.42 3.64 -1.95
N SER B 82 -8.32 4.23 -3.10
CA SER B 82 -7.52 5.37 -3.17
C SER B 82 -8.20 6.53 -2.43
N LEU B 83 -9.52 6.64 -2.39
CA LEU B 83 -10.12 7.74 -1.62
C LEU B 83 -9.78 7.59 -0.15
N LEU B 84 -9.89 6.39 0.42
CA LEU B 84 -9.48 6.12 1.79
C LEU B 84 -8.12 6.69 2.11
N ILE B 85 -7.11 6.38 1.28
CA ILE B 85 -5.71 6.84 1.49
C ILE B 85 -5.66 8.38 1.28
N ASP B 86 -6.41 8.96 0.35
CA ASP B 86 -6.30 10.38 0.12
C ASP B 86 -6.72 11.08 1.34
N ASP B 87 -7.77 10.58 1.96
CA ASP B 87 -8.31 11.29 3.13
C ASP B 87 -7.32 11.36 4.31
N ILE B 88 -6.67 10.23 4.60
CA ILE B 88 -5.48 10.21 5.46
C ILE B 88 -4.42 11.23 4.99
N GLU B 89 -3.99 11.13 3.74
CA GLU B 89 -2.92 12.01 3.24
C GLU B 89 -3.16 13.54 3.23
N ASP B 90 -4.39 13.94 2.96
CA ASP B 90 -4.83 15.31 2.99
C ASP B 90 -5.32 15.75 4.37
N ASN B 91 -5.31 14.87 5.36
CA ASN B 91 -5.96 15.14 6.61
C ASN B 91 -7.35 15.73 6.47
N SER B 92 -8.17 15.18 5.62
CA SER B 92 -9.54 15.62 5.46
C SER B 92 -10.35 15.14 6.62
N LYS B 93 -11.24 15.98 7.09
CA LYS B 93 -12.13 15.67 8.19
C LYS B 93 -13.43 15.01 7.71
N LEU B 94 -14.01 15.51 6.61
CA LEU B 94 -15.22 14.98 5.96
C LEU B 94 -15.03 14.50 4.51
N ARG B 95 -15.93 13.68 4.04
CA ARG B 95 -16.06 13.39 2.63
C ARG B 95 -17.52 13.37 2.28
N ARG B 96 -17.95 14.22 1.36
CA ARG B 96 -19.40 14.39 1.08
C ARG B 96 -20.24 14.56 2.38
N GLY B 97 -19.71 15.27 3.35
CA GLY B 97 -20.43 15.47 4.61
C GLY B 97 -20.27 14.38 5.65
N PHE B 98 -19.67 13.25 5.32
CA PHE B 98 -19.56 12.19 6.32
C PHE B 98 -18.18 12.12 6.89
N PRO B 99 -18.07 11.67 8.11
CA PRO B 99 -16.74 11.56 8.61
C PRO B 99 -15.93 10.63 7.75
N VAL B 100 -14.71 11.04 7.47
CA VAL B 100 -13.77 10.19 6.80
C VAL B 100 -13.49 8.91 7.55
N ALA B 101 -13.10 7.91 6.79
CA ALA B 101 -13.01 6.58 7.35
C ALA B 101 -12.08 6.53 8.55
N HIS B 102 -10.90 7.12 8.49
CA HIS B 102 -9.94 6.91 9.58
C HIS B 102 -10.34 7.67 10.86
N SER B 103 -11.20 8.62 10.77
CA SER B 103 -11.67 9.20 11.94
C SER B 103 -12.62 8.26 12.74
N ILE B 104 -13.10 7.19 12.09
CA ILE B 104 -13.99 6.21 12.70
C ILE B 104 -13.23 4.94 13.03
N TYR B 105 -12.41 4.42 12.13
CA TYR B 105 -11.71 3.15 12.27
C TYR B 105 -10.25 3.31 12.65
N GLY B 106 -9.70 4.52 12.57
CA GLY B 106 -8.28 4.76 12.84
C GLY B 106 -7.38 4.51 11.64
N ILE B 107 -6.28 5.23 11.59
CA ILE B 107 -5.37 5.13 10.50
C ILE B 107 -4.85 3.72 10.26
N PRO B 108 -4.49 3.00 11.29
CA PRO B 108 -3.96 1.66 10.96
C PRO B 108 -4.94 0.79 10.19
N SER B 109 -6.18 0.70 10.62
CA SER B 109 -7.19 -0.06 9.93
C SER B 109 -7.46 0.34 8.50
N VAL B 110 -7.54 1.66 8.26
CA VAL B 110 -7.81 2.19 6.95
C VAL B 110 -6.64 1.94 6.01
N ILE B 111 -5.41 2.22 6.42
CA ILE B 111 -4.25 1.89 5.58
C ILE B 111 -4.36 0.45 5.19
N ASN B 112 -4.73 -0.31 6.15
CA ASN B 112 -4.64 -1.72 6.06
C ASN B 112 -5.78 -2.32 5.21
N SER B 113 -6.99 -1.77 5.31
CA SER B 113 -8.10 -2.08 4.40
C SER B 113 -7.86 -1.64 2.94
N ALA B 114 -7.39 -0.41 2.74
CA ALA B 114 -7.22 0.12 1.40
C ALA B 114 -6.18 -0.63 0.63
N ASN B 115 -5.05 -0.88 1.22
CA ASN B 115 -4.01 -1.66 0.59
C ASN B 115 -4.47 -3.10 0.30
N TYR B 116 -5.13 -3.77 1.25
CA TYR B 116 -5.74 -5.10 0.98
C TYR B 116 -6.62 -5.09 -0.25
N VAL B 117 -7.41 -4.04 -0.38
CA VAL B 117 -8.28 -3.90 -1.51
C VAL B 117 -7.51 -3.64 -2.81
N TYR B 118 -6.49 -2.82 -2.77
CA TYR B 118 -5.68 -2.61 -3.95
C TYR B 118 -5.23 -4.01 -4.43
N PHE B 119 -4.73 -4.87 -3.57
CA PHE B 119 -4.28 -6.20 -4.06
C PHE B 119 -5.36 -7.22 -4.36
N LEU B 120 -6.52 -7.11 -3.71
CA LEU B 120 -7.70 -7.78 -4.22
C LEU B 120 -8.06 -7.36 -5.66
N GLY B 121 -7.86 -6.09 -5.96
CA GLY B 121 -7.98 -5.61 -7.30
C GLY B 121 -6.98 -6.24 -8.27
N LEU B 122 -5.73 -6.42 -7.84
CA LEU B 122 -4.73 -7.00 -8.70
C LEU B 122 -5.12 -8.44 -9.00
N GLU B 123 -5.60 -9.11 -7.95
CA GLU B 123 -6.11 -10.49 -8.09
C GLU B 123 -7.19 -10.58 -9.16
N LYS B 124 -8.02 -9.56 -9.13
CA LYS B 124 -9.20 -9.54 -9.98
C LYS B 124 -8.83 -9.20 -11.43
N VAL B 125 -7.90 -8.28 -11.60
CA VAL B 125 -7.25 -8.03 -12.88
C VAL B 125 -6.60 -9.27 -13.44
N LEU B 126 -6.02 -10.15 -12.62
CA LEU B 126 -5.52 -11.42 -13.15
C LEU B 126 -6.60 -12.35 -13.79
N THR B 127 -7.83 -12.26 -13.33
CA THR B 127 -8.95 -13.06 -13.91
C THR B 127 -9.36 -12.60 -15.30
N LEU B 128 -9.01 -11.35 -15.66
CA LEU B 128 -9.12 -10.93 -17.05
C LEU B 128 -8.35 -11.82 -18.02
N ASP B 129 -7.37 -12.58 -17.53
CA ASP B 129 -6.51 -13.47 -18.29
C ASP B 129 -5.86 -12.84 -19.56
N HIS B 130 -5.47 -11.58 -19.51
CA HIS B 130 -4.69 -10.89 -20.55
C HIS B 130 -3.38 -10.29 -19.94
N PRO B 131 -2.20 -10.74 -20.39
CA PRO B 131 -0.93 -10.29 -19.79
C PRO B 131 -0.61 -8.77 -19.79
N ASP B 132 -1.06 -8.04 -20.79
CA ASP B 132 -0.93 -6.59 -20.79
C ASP B 132 -1.78 -5.87 -19.77
N ALA B 133 -2.76 -6.56 -19.17
CA ALA B 133 -3.64 -5.92 -18.22
C ALA B 133 -2.95 -5.71 -16.83
N VAL B 134 -1.96 -6.51 -16.51
CA VAL B 134 -1.18 -6.34 -15.31
C VAL B 134 -0.22 -5.24 -15.61
N LYS B 135 0.42 -5.33 -16.78
CA LYS B 135 1.29 -4.23 -17.29
C LYS B 135 0.63 -2.86 -17.06
N LEU B 136 -0.62 -2.74 -17.46
CA LEU B 136 -1.35 -1.48 -17.42
C LEU B 136 -1.76 -1.02 -16.01
N PHE B 137 -2.36 -1.92 -15.24
CA PHE B 137 -2.67 -1.71 -13.83
C PHE B 137 -1.44 -1.15 -13.11
N THR B 138 -0.27 -1.70 -13.36
CA THR B 138 0.93 -1.25 -12.71
C THR B 138 1.28 0.19 -13.09
N ARG B 139 1.27 0.48 -14.36
CA ARG B 139 1.61 1.78 -14.86
C ARG B 139 0.67 2.79 -14.24
N GLN B 140 -0.61 2.50 -14.22
CA GLN B 140 -1.59 3.42 -13.72
C GLN B 140 -1.50 3.64 -12.24
N LEU B 141 -1.17 2.61 -11.49
CA LEU B 141 -1.06 2.77 -10.06
C LEU B 141 0.22 3.51 -9.68
N LEU B 142 1.28 3.29 -10.44
CA LEU B 142 2.49 4.06 -10.33
C LEU B 142 2.19 5.50 -10.60
N GLU B 143 1.49 5.78 -11.70
CA GLU B 143 1.11 7.16 -12.06
C GLU B 143 0.26 7.81 -10.92
N LEU B 144 -0.70 7.10 -10.42
CA LEU B 144 -1.53 7.61 -9.34
C LEU B 144 -0.73 7.98 -8.10
N HIS B 145 0.22 7.12 -7.73
CA HIS B 145 1.04 7.32 -6.52
C HIS B 145 1.95 8.55 -6.66
N GLN B 146 2.30 8.88 -7.89
CA GLN B 146 3.08 10.03 -8.18
C GLN B 146 2.23 11.27 -8.06
N GLY B 147 0.99 11.17 -8.51
CA GLY B 147 0.05 12.26 -8.32
C GLY B 147 -0.17 12.64 -6.84
N GLN B 148 -0.50 11.66 -5.98
CA GLN B 148 -0.64 11.92 -4.51
C GLN B 148 0.72 12.44 -3.95
N GLY B 149 1.78 11.88 -4.48
CA GLY B 149 3.10 12.42 -4.32
C GLY B 149 3.24 13.92 -4.36
N LEU B 150 2.89 14.47 -5.50
CA LEU B 150 2.87 15.92 -5.65
C LEU B 150 1.90 16.60 -4.70
N ASP B 151 0.71 16.06 -4.59
CA ASP B 151 -0.24 16.59 -3.61
C ASP B 151 0.37 16.71 -2.16
N ILE B 152 0.92 15.65 -1.63
CA ILE B 152 1.56 15.70 -0.36
C ILE B 152 2.79 16.58 -0.41
N TYR B 153 3.58 16.47 -1.45
CA TYR B 153 4.75 17.39 -1.57
C TYR B 153 4.43 18.84 -1.32
N TRP B 154 3.33 19.32 -1.90
CA TRP B 154 2.96 20.72 -1.87
C TRP B 154 2.43 21.09 -0.50
N ARG B 155 1.51 20.29 0.02
CA ARG B 155 0.98 20.45 1.40
C ARG B 155 2.15 20.53 2.45
N ASP B 156 3.11 19.59 2.37
CA ASP B 156 4.28 19.56 3.25
C ASP B 156 5.18 20.76 3.10
N ASN B 157 5.28 21.36 1.94
CA ASN B 157 6.03 22.63 1.82
C ASN B 157 5.26 23.96 1.88
N TYR B 158 4.06 23.99 2.45
CA TYR B 158 3.35 25.29 2.74
C TYR B 158 3.12 26.05 1.49
N THR B 159 2.65 25.33 0.48
CA THR B 159 2.62 25.76 -0.90
C THR B 159 1.40 25.11 -1.61
N CYS B 160 1.21 25.58 -2.82
CA CYS B 160 0.03 25.40 -3.56
C CYS B 160 0.49 25.30 -5.03
N PRO B 161 -0.06 24.32 -5.77
CA PRO B 161 0.30 24.22 -7.21
C PRO B 161 -0.22 25.38 -7.92
N THR B 162 0.46 25.78 -8.98
CA THR B 162 -0.13 26.70 -9.95
C THR B 162 -1.19 25.93 -10.72
N GLU B 163 -2.13 26.65 -11.30
CA GLU B 163 -3.05 26.08 -12.30
C GLU B 163 -2.48 24.93 -13.16
N GLU B 164 -1.45 25.17 -14.00
CA GLU B 164 -0.87 24.07 -14.81
C GLU B 164 -0.38 22.85 -13.98
N GLU B 165 0.17 23.08 -12.80
CA GLU B 165 0.63 21.95 -11.97
C GLU B 165 -0.53 21.15 -11.42
N TYR B 166 -1.62 21.86 -11.09
CA TYR B 166 -2.86 21.25 -10.60
C TYR B 166 -3.49 20.44 -11.70
N LYS B 167 -3.62 21.05 -12.88
CA LYS B 167 -4.20 20.31 -13.99
C LYS B 167 -3.41 19.03 -14.22
N ALA B 168 -2.09 19.10 -14.06
CA ALA B 168 -1.24 17.98 -14.33
C ALA B 168 -1.38 16.87 -13.29
N MET B 169 -1.45 17.24 -12.04
CA MET B 169 -1.64 16.28 -10.97
C MET B 169 -2.95 15.55 -11.12
N VAL B 170 -4.00 16.28 -11.46
CA VAL B 170 -5.35 15.73 -11.61
C VAL B 170 -5.36 14.68 -12.68
N LEU B 171 -4.73 15.00 -13.81
CA LEU B 171 -4.53 14.06 -14.90
C LEU B 171 -3.75 12.80 -14.51
N GLN B 172 -2.82 12.91 -13.59
CA GLN B 172 -2.13 11.74 -13.04
C GLN B 172 -2.95 10.90 -12.05
N LYS B 173 -3.67 11.53 -11.11
CA LYS B 173 -4.64 10.78 -10.29
C LYS B 173 -5.83 10.20 -11.07
N THR B 174 -6.72 11.02 -11.61
CA THR B 174 -7.88 10.46 -12.31
C THR B 174 -7.54 9.91 -13.67
N GLY B 175 -6.65 10.55 -14.43
CA GLY B 175 -6.21 9.95 -15.72
C GLY B 175 -5.65 8.57 -15.38
N GLY B 176 -4.95 8.46 -14.25
CA GLY B 176 -4.56 7.15 -13.64
C GLY B 176 -5.66 6.10 -13.63
N LEU B 177 -6.85 6.38 -13.05
CA LEU B 177 -7.98 5.41 -12.93
C LEU B 177 -8.91 5.38 -14.15
N PHE B 178 -9.24 6.56 -14.63
CA PHE B 178 -9.93 6.69 -15.89
C PHE B 178 -9.25 5.92 -16.99
N GLY B 179 -7.96 6.20 -17.11
CA GLY B 179 -7.15 5.68 -18.18
C GLY B 179 -7.11 4.21 -17.96
N LEU B 180 -7.03 3.76 -16.71
CA LEU B 180 -6.97 2.34 -16.43
C LEU B 180 -8.21 1.65 -16.95
N ALA B 181 -9.36 2.20 -16.63
CA ALA B 181 -10.61 1.54 -17.00
C ALA B 181 -10.77 1.54 -18.51
N VAL B 182 -10.52 2.66 -19.14
CA VAL B 182 -10.63 2.72 -20.57
C VAL B 182 -9.50 1.91 -21.24
N GLY B 183 -8.33 1.85 -20.64
CA GLY B 183 -7.23 1.09 -21.20
C GLY B 183 -7.49 -0.41 -21.21
N LEU B 184 -7.95 -0.92 -20.08
CA LEU B 184 -8.44 -2.28 -19.95
C LEU B 184 -9.58 -2.60 -20.94
N MET B 185 -10.64 -1.80 -20.98
CA MET B 185 -11.69 -2.04 -21.95
C MET B 185 -11.08 -2.05 -23.36
N GLN B 186 -10.18 -1.14 -23.68
CA GLN B 186 -9.57 -1.19 -25.00
C GLN B 186 -8.77 -2.47 -25.31
N LEU B 187 -8.23 -3.15 -24.30
CA LEU B 187 -7.53 -4.43 -24.57
C LEU B 187 -8.47 -5.50 -25.10
N PHE B 188 -9.76 -5.36 -24.77
CA PHE B 188 -10.83 -6.25 -25.11
C PHE B 188 -11.76 -5.64 -26.16
N SER B 189 -11.15 -4.95 -27.13
CA SER B 189 -11.84 -4.31 -28.23
C SER B 189 -11.00 -4.36 -29.52
N ASP B 190 -11.70 -4.36 -30.64
CA ASP B 190 -10.99 -4.15 -31.88
C ASP B 190 -11.09 -2.68 -32.35
N TYR B 191 -11.69 -1.82 -31.50
CA TYR B 191 -11.66 -0.35 -31.60
C TYR B 191 -10.33 0.13 -31.05
N LYS B 192 -9.38 0.42 -31.92
CA LYS B 192 -8.05 0.88 -31.48
C LYS B 192 -7.77 2.40 -31.61
N GLU B 193 -8.76 3.19 -32.03
CA GLU B 193 -8.58 4.66 -32.06
C GLU B 193 -8.20 5.33 -30.68
N ASP B 194 -7.28 6.31 -30.73
CA ASP B 194 -6.61 6.89 -29.54
C ASP B 194 -7.58 7.79 -28.76
N LEU B 195 -7.83 7.39 -27.50
CA LEU B 195 -8.82 8.02 -26.63
C LEU B 195 -8.28 8.92 -25.50
N LYS B 196 -6.95 8.91 -25.25
CA LYS B 196 -6.32 9.72 -24.16
C LYS B 196 -6.71 11.19 -24.29
N PRO B 197 -6.67 11.73 -25.51
CA PRO B 197 -7.09 13.10 -25.58
C PRO B 197 -8.45 13.41 -24.93
N LEU B 198 -9.46 12.61 -25.26
CA LEU B 198 -10.78 12.82 -24.69
C LEU B 198 -10.76 12.61 -23.16
N LEU B 199 -9.99 11.63 -22.72
CA LEU B 199 -9.91 11.30 -21.31
C LEU B 199 -9.28 12.41 -20.49
N ASN B 200 -8.20 13.02 -20.99
CA ASN B 200 -7.63 14.15 -20.28
C ASN B 200 -8.72 15.18 -20.14
N THR B 201 -9.36 15.48 -21.25
CA THR B 201 -10.37 16.51 -21.27
C THR B 201 -11.48 16.19 -20.25
N LEU B 202 -11.94 14.96 -20.22
CA LEU B 202 -12.99 14.59 -19.25
C LEU B 202 -12.46 14.62 -17.82
N GLY B 203 -11.26 14.09 -17.63
CA GLY B 203 -10.62 14.04 -16.33
C GLY B 203 -10.59 15.40 -15.71
N LEU B 204 -10.12 16.40 -16.46
CA LEU B 204 -10.11 17.79 -15.94
C LEU B 204 -11.52 18.24 -15.69
N PHE B 205 -12.35 17.98 -16.68
CA PHE B 205 -13.74 18.39 -16.66
C PHE B 205 -14.42 17.97 -15.38
N PHE B 206 -14.31 16.68 -15.03
CA PHE B 206 -15.00 16.20 -13.79
C PHE B 206 -14.41 16.79 -12.52
N GLN B 207 -13.09 16.89 -12.45
CA GLN B 207 -12.47 17.36 -11.22
C GLN B 207 -12.88 18.79 -10.96
N ILE B 208 -12.70 19.63 -11.99
CA ILE B 208 -12.89 21.06 -11.87
C ILE B 208 -14.37 21.36 -11.65
N ARG B 209 -15.21 20.56 -12.32
CA ARG B 209 -16.63 20.59 -12.09
C ARG B 209 -16.97 20.34 -10.63
N ASP B 210 -16.39 19.29 -10.06
CA ASP B 210 -16.50 18.96 -8.62
C ASP B 210 -15.98 20.08 -7.65
N ASP B 211 -14.85 20.67 -8.04
CA ASP B 211 -14.31 21.73 -7.27
C ASP B 211 -15.33 22.84 -7.23
N TYR B 212 -15.82 23.21 -8.42
CA TYR B 212 -16.81 24.27 -8.55
C TYR B 212 -18.06 24.00 -7.74
N ALA B 213 -18.69 22.84 -7.95
CA ALA B 213 -19.80 22.41 -7.11
C ALA B 213 -19.49 22.57 -5.63
N ASN B 214 -18.46 21.88 -5.13
CA ASN B 214 -18.25 21.78 -3.67
C ASN B 214 -18.43 23.15 -2.97
N LEU B 215 -17.73 24.16 -3.54
CA LEU B 215 -17.69 25.56 -3.03
C LEU B 215 -18.92 26.42 -3.37
N HIS B 216 -19.43 26.33 -4.60
CA HIS B 216 -20.54 27.20 -5.02
C HIS B 216 -21.73 27.06 -4.04
N SER B 217 -21.95 25.84 -3.54
CA SER B 217 -22.80 25.59 -2.36
C SER B 217 -22.40 26.49 -1.10
N LYS B 218 -23.19 27.52 -0.76
CA LYS B 218 -22.78 28.53 0.26
C LYS B 218 -23.87 29.46 0.91
N GLU B 219 -24.25 29.16 2.16
CA GLU B 219 -24.96 30.09 3.06
C GLU B 219 -24.06 30.35 4.28
N SER B 225 -15.31 30.87 8.24
CA SER B 225 -15.35 29.89 7.15
C SER B 225 -14.10 29.91 6.18
N PHE B 226 -12.94 29.40 6.64
CA PHE B 226 -11.64 29.34 5.87
C PHE B 226 -11.56 28.27 4.75
N CYS B 227 -10.52 28.37 3.91
CA CYS B 227 -10.55 27.65 2.63
C CYS B 227 -10.07 26.21 2.67
N GLU B 228 -8.91 25.91 3.33
CA GLU B 228 -8.47 24.47 3.54
C GLU B 228 -9.58 23.61 4.23
N ASP B 229 -10.41 24.27 5.05
CA ASP B 229 -11.64 23.74 5.67
C ASP B 229 -12.81 23.28 4.70
N LEU B 230 -13.23 24.14 3.76
CA LEU B 230 -14.31 23.78 2.80
C LEU B 230 -13.83 22.89 1.64
N THR B 231 -12.56 23.03 1.26
CA THR B 231 -11.97 22.13 0.26
C THR B 231 -11.64 20.73 0.85
N GLU B 232 -11.62 20.68 2.20
CA GLU B 232 -11.41 19.49 3.04
C GLU B 232 -9.99 18.94 2.88
N GLY B 233 -9.04 19.83 3.07
CA GLY B 233 -7.63 19.53 2.93
C GLY B 233 -7.19 19.43 1.47
N LYS B 234 -8.15 19.54 0.53
CA LYS B 234 -7.87 19.24 -0.88
C LYS B 234 -7.60 20.51 -1.66
N PHE B 235 -6.54 20.51 -2.45
CA PHE B 235 -6.31 21.59 -3.40
C PHE B 235 -7.47 21.68 -4.41
N SER B 236 -7.96 22.89 -4.67
CA SER B 236 -9.20 23.05 -5.43
C SER B 236 -9.05 24.21 -6.43
N PHE B 237 -9.57 24.02 -7.65
CA PHE B 237 -9.32 24.95 -8.78
C PHE B 237 -9.66 26.40 -8.55
N PRO B 238 -10.84 26.73 -8.00
CA PRO B 238 -11.20 28.12 -7.73
C PRO B 238 -10.23 28.82 -6.77
N THR B 239 -9.91 28.10 -5.68
CA THR B 239 -8.97 28.58 -4.65
C THR B 239 -7.57 28.76 -5.26
N ILE B 240 -7.14 27.78 -6.05
CA ILE B 240 -5.82 27.90 -6.61
C ILE B 240 -5.72 29.17 -7.40
N HIS B 241 -6.68 29.39 -8.29
CA HIS B 241 -6.69 30.62 -9.08
C HIS B 241 -6.74 31.93 -8.22
N ALA B 242 -7.50 31.88 -7.12
CA ALA B 242 -7.55 33.00 -6.17
C ALA B 242 -6.13 33.22 -5.73
N ILE B 243 -5.55 32.19 -5.13
CA ILE B 243 -4.24 32.28 -4.51
C ILE B 243 -3.16 32.95 -5.36
N TRP B 244 -3.11 32.73 -6.66
CA TRP B 244 -2.11 33.41 -7.50
C TRP B 244 -2.61 34.71 -8.25
N SER B 245 -3.15 35.71 -7.52
CA SER B 245 -3.47 37.09 -8.02
C SER B 245 -2.54 38.16 -7.43
N LYS B 267 -10.06 34.72 7.91
CA LYS B 267 -11.45 35.12 7.79
C LYS B 267 -12.11 34.27 6.64
N ASP B 268 -13.11 34.86 5.93
CA ASP B 268 -14.12 34.17 5.07
C ASP B 268 -13.56 33.79 3.70
N CYS B 269 -14.01 32.63 3.18
CA CYS B 269 -13.58 32.03 1.91
C CYS B 269 -14.63 32.13 0.80
N VAL B 270 -15.87 31.69 1.05
CA VAL B 270 -16.91 31.73 0.00
C VAL B 270 -17.05 33.15 -0.57
N HIS B 271 -17.07 34.17 0.32
CA HIS B 271 -17.05 35.60 -0.08
C HIS B 271 -15.78 36.06 -0.81
N TYR B 272 -14.61 35.59 -0.39
CA TYR B 272 -13.36 36.03 -1.00
C TYR B 272 -13.29 35.61 -2.46
N LEU B 273 -13.76 34.39 -2.77
CA LEU B 273 -13.72 33.86 -4.16
C LEU B 273 -14.69 34.57 -5.14
N GLU B 274 -15.85 34.99 -4.61
CA GLU B 274 -16.73 35.91 -5.32
C GLU B 274 -15.87 37.16 -5.72
N ASP B 275 -15.33 37.87 -4.71
CA ASP B 275 -14.48 39.11 -4.83
C ASP B 275 -13.40 39.18 -5.93
N VAL B 276 -12.75 38.04 -6.18
CA VAL B 276 -11.64 37.89 -7.16
C VAL B 276 -12.14 37.31 -8.50
N GLY B 277 -13.43 36.96 -8.55
CA GLY B 277 -14.05 36.29 -9.71
C GLY B 277 -13.45 34.94 -10.04
N SER B 278 -13.32 34.06 -9.04
CA SER B 278 -12.86 32.68 -9.30
C SER B 278 -13.99 31.84 -9.85
N PHE B 279 -15.17 31.90 -9.22
CA PHE B 279 -16.35 31.22 -9.78
C PHE B 279 -16.51 31.63 -11.24
N GLU B 280 -16.45 32.93 -11.48
CA GLU B 280 -16.41 33.46 -12.85
C GLU B 280 -15.44 32.70 -13.74
N TYR B 281 -14.20 32.68 -13.28
CA TYR B 281 -13.08 32.17 -14.08
C TYR B 281 -13.24 30.70 -14.38
N THR B 282 -13.76 29.97 -13.39
CA THR B 282 -13.92 28.52 -13.43
C THR B 282 -15.11 28.11 -14.32
N ARG B 283 -16.22 28.85 -14.22
CA ARG B 283 -17.32 28.71 -15.20
C ARG B 283 -16.79 28.78 -16.66
N ASN B 284 -15.95 29.77 -17.00
CA ASN B 284 -15.30 29.88 -18.34
C ASN B 284 -14.46 28.67 -18.62
N THR B 285 -13.54 28.40 -17.71
CA THR B 285 -12.67 27.23 -17.84
C THR B 285 -13.42 25.91 -18.10
N LEU B 286 -14.62 25.75 -17.49
CA LEU B 286 -15.45 24.55 -17.68
C LEU B 286 -16.13 24.55 -19.06
N LYS B 287 -16.66 25.71 -19.47
CA LYS B 287 -17.22 25.91 -20.81
C LYS B 287 -16.15 25.46 -21.84
N GLU B 288 -14.96 26.07 -21.82
CA GLU B 288 -13.84 25.70 -22.74
C GLU B 288 -13.68 24.15 -22.81
N LEU B 289 -13.72 23.51 -21.63
CA LEU B 289 -13.52 22.06 -21.51
C LEU B 289 -14.66 21.24 -22.12
N GLU B 290 -15.91 21.67 -21.88
CA GLU B 290 -17.10 20.95 -22.38
C GLU B 290 -17.03 20.97 -23.90
N ALA B 291 -16.80 22.17 -24.42
CA ALA B 291 -16.67 22.40 -25.85
C ALA B 291 -15.63 21.43 -26.43
N LYS B 292 -14.42 21.52 -25.92
CA LYS B 292 -13.33 20.68 -26.35
C LYS B 292 -13.71 19.20 -26.41
N ALA B 293 -14.43 18.73 -25.39
CA ALA B 293 -14.94 17.34 -25.33
C ALA B 293 -15.94 16.98 -26.48
N TYR B 294 -16.97 17.78 -26.65
CA TYR B 294 -17.83 17.63 -27.83
C TYR B 294 -17.01 17.51 -29.13
N LYS B 295 -15.98 18.37 -29.27
CA LYS B 295 -15.02 18.33 -30.41
C LYS B 295 -14.35 16.93 -30.44
N GLN B 296 -13.67 16.53 -29.38
CA GLN B 296 -12.95 15.26 -29.42
C GLN B 296 -13.82 13.99 -29.55
N ILE B 297 -15.12 14.09 -29.22
CA ILE B 297 -16.10 13.00 -29.39
C ILE B 297 -16.50 12.89 -30.86
N ASP B 298 -16.88 14.00 -31.50
CA ASP B 298 -17.17 14.01 -32.95
C ASP B 298 -16.05 13.29 -33.70
N ALA B 299 -14.81 13.60 -33.32
CA ALA B 299 -13.61 13.02 -33.94
C ALA B 299 -13.61 11.53 -33.89
N ARG B 300 -14.07 10.99 -32.78
CA ARG B 300 -14.03 9.54 -32.55
C ARG B 300 -15.27 8.77 -33.03
N GLY B 301 -16.14 9.38 -33.87
CA GLY B 301 -17.38 8.76 -34.39
C GLY B 301 -18.70 9.14 -33.73
N GLY B 302 -18.62 10.04 -32.73
CA GLY B 302 -19.76 10.38 -31.85
C GLY B 302 -20.20 9.32 -30.82
N ASN B 303 -21.02 9.75 -29.87
CA ASN B 303 -21.38 8.91 -28.74
C ASN B 303 -22.57 9.55 -28.04
N PRO B 304 -23.79 9.31 -28.55
CA PRO B 304 -24.94 10.02 -28.01
C PRO B 304 -24.99 9.92 -26.48
N GLU B 305 -24.78 8.72 -25.95
CA GLU B 305 -24.92 8.50 -24.49
C GLU B 305 -23.96 9.39 -23.68
N LEU B 306 -22.72 9.51 -24.14
CA LEU B 306 -21.70 10.38 -23.50
C LEU B 306 -21.99 11.89 -23.58
N VAL B 307 -22.30 12.38 -24.77
CA VAL B 307 -22.80 13.78 -24.94
C VAL B 307 -23.96 14.07 -23.94
N ALA B 308 -24.92 13.14 -23.84
CA ALA B 308 -26.10 13.27 -22.94
C ALA B 308 -25.67 13.44 -21.50
N LEU B 309 -24.65 12.71 -21.14
CA LEU B 309 -24.06 12.85 -19.82
C LEU B 309 -23.32 14.20 -19.63
N VAL B 310 -22.42 14.56 -20.54
CA VAL B 310 -21.73 15.88 -20.47
C VAL B 310 -22.74 17.06 -20.39
N LYS B 311 -23.86 16.93 -21.11
CA LYS B 311 -24.91 17.94 -21.08
C LYS B 311 -25.53 17.96 -19.68
N HIS B 312 -25.85 16.78 -19.12
CA HIS B 312 -26.47 16.71 -17.79
C HIS B 312 -25.57 17.39 -16.74
N LEU B 313 -24.27 17.15 -16.85
CA LEU B 313 -23.30 17.69 -15.89
C LEU B 313 -23.06 19.18 -16.05
N SER B 314 -22.99 19.67 -17.28
CA SER B 314 -22.71 21.09 -17.49
C SER B 314 -23.80 21.99 -16.87
N LYS B 315 -25.05 21.50 -16.70
CA LYS B 315 -26.20 22.39 -16.37
C LYS B 315 -25.74 23.46 -15.35
N MET B 316 -25.10 23.04 -14.27
CA MET B 316 -24.67 23.98 -13.19
C MET B 316 -23.49 24.97 -13.41
N PHE B 317 -23.22 25.39 -14.67
CA PHE B 317 -22.26 26.46 -14.95
C PHE B 317 -22.60 27.23 -16.25
OAO VT0 C . -6.40 -6.06 -28.84
PAL VT0 C . -5.53 -7.13 -28.00
OAP VT0 C . -4.02 -7.21 -28.67
OAN VT0 C . -5.52 -6.83 -26.54
CAK VT0 C . -6.29 -8.75 -28.29
PAM VT0 C . -6.21 -9.16 -30.09
OAR VT0 C . -6.97 -7.93 -30.86
OAS VT0 C . -7.14 -10.51 -30.15
OAQ VT0 C . -4.81 -9.42 -30.52
NAJ VT0 C . -7.66 -8.80 -27.73
C4 VT0 C . -7.82 -9.76 -26.81
N3 VT0 C . -6.74 -10.36 -26.31
C5 VT0 C . -9.03 -10.11 -26.41
CAC VT0 C . -10.21 -9.59 -26.82
CAD VT0 C . -11.25 -10.17 -26.21
SAE VT0 C . -10.64 -11.34 -25.17
C6 VT0 C . -9.13 -11.11 -25.49
N1 VT0 C . -8.05 -11.71 -24.98
C2 VT0 C . -6.83 -11.32 -25.39
CAT VT0 C . -5.65 -11.93 -24.98
CAU VT0 C . -4.44 -11.63 -25.64
CAV VT0 C . -3.24 -12.25 -25.27
CAW VT0 C . -3.30 -13.20 -24.25
CAX VT0 C . -4.50 -13.50 -23.60
CAY VT0 C . -5.67 -12.88 -23.96
#